data_4EJM
#
_entry.id   4EJM
#
_cell.length_a   107.620
_cell.length_b   107.620
_cell.length_c   137.741
_cell.angle_alpha   90.00
_cell.angle_beta   90.00
_cell.angle_gamma   90.00
#
_symmetry.space_group_name_H-M   'I 4 2 2'
#
loop_
_entity.id
_entity.type
_entity.pdbx_description
1 polymer 'Putative zinc-binding dehydrogenase'
2 non-polymer 'ZINC ION'
3 non-polymer 'NADP NICOTINAMIDE-ADENINE-DINUCLEOTIDE PHOSPHATE'
4 non-polymer 1,2-ETHANEDIOL
5 water water
#
_entity_poly.entity_id   1
_entity_poly.type   'polypeptide(L)'
_entity_poly.pdbx_seq_one_letter_code
;(MSE)HHHHHHSSGVDLGTENLYFQS(MSE)(MSE)KAVRLESVGNISVRNVGIPEPGPDDLLVKVEACGICGTDRHLLH
GEFPSTPPVTLGHEFCGIVVEAGSAVRDIAPGARITGDPNISCGRCPQCQAGRVNLCRNLRAIGIHRDGGFAEYVLVPRK
QAFEIPLTLDPVHGAFCEPLACCLHGVDLSGIKAGSTVAILGGGVIGLLTVQLARLAGATTVILSTRQATKRRLAEEVGA
TATVDPSAGDVVEAIAGPVGLVPGGVDVVIECAGVAETVKQSTRLAKAGGTVVILGVLPQGEKVEIEPFDILFRELRVLG
SFINPFVHRRAADLVATGAIEIDR(MSE)ISRRISLDEAPDVISNPAAAGEVKVLVIPSAERVAQQ
;
_entity_poly.pdbx_strand_id   A
#
# COMPACT_ATOMS: atom_id res chain seq x y z
N GLN A 21 -8.05 33.67 13.84
CA GLN A 21 -8.14 32.43 13.02
C GLN A 21 -6.90 31.55 13.24
N SER A 22 -7.11 30.31 13.71
CA SER A 22 -6.00 29.38 13.99
C SER A 22 -5.60 28.63 12.72
N LYS A 25 0.22 24.37 8.97
CA LYS A 25 0.90 24.01 7.74
C LYS A 25 0.22 22.79 7.08
N ALA A 26 0.18 22.81 5.76
CA ALA A 26 -0.34 21.73 4.93
C ALA A 26 0.52 21.65 3.65
N VAL A 27 0.89 20.45 3.22
CA VAL A 27 1.55 20.25 1.89
C VAL A 27 0.47 20.14 0.83
N ARG A 28 0.33 21.19 0.01
CA ARG A 28 -0.79 21.33 -0.93
C ARG A 28 -0.33 21.12 -2.37
N LEU A 29 -1.07 20.28 -3.11
CA LEU A 29 -0.86 20.16 -4.55
C LEU A 29 -1.72 21.24 -5.18
N GLU A 30 -1.09 22.38 -5.52
CA GLU A 30 -1.83 23.53 -6.05
C GLU A 30 -2.47 23.20 -7.40
N SER A 31 -1.68 22.60 -8.28
CA SER A 31 -2.15 22.03 -9.55
C SER A 31 -1.04 21.17 -10.14
N VAL A 32 -1.36 20.44 -11.21
CA VAL A 32 -0.38 19.52 -11.79
C VAL A 32 1.00 20.19 -11.84
N GLY A 33 1.99 19.62 -11.15
CA GLY A 33 3.35 20.16 -11.13
C GLY A 33 3.69 21.12 -10.00
N ASN A 34 2.67 21.66 -9.34
CA ASN A 34 2.87 22.73 -8.36
C ASN A 34 2.55 22.26 -6.96
N ILE A 35 3.59 22.08 -6.14
CA ILE A 35 3.43 21.57 -4.78
C ILE A 35 4.29 22.38 -3.81
N SER A 36 3.69 22.80 -2.70
CA SER A 36 4.38 23.58 -1.69
C SER A 36 3.65 23.50 -0.35
N VAL A 37 4.37 23.88 0.71
CA VAL A 37 3.80 24.00 2.04
CA VAL A 37 3.83 24.02 2.05
C VAL A 37 3.10 25.35 2.17
N ARG A 38 1.84 25.32 2.60
CA ARG A 38 1.02 26.53 2.76
C ARG A 38 0.34 26.55 4.10
N ASN A 39 -0.09 27.75 4.48
CA ASN A 39 -0.84 27.95 5.70
C ASN A 39 -2.30 27.97 5.36
N VAL A 40 -3.06 27.12 6.01
CA VAL A 40 -4.48 27.00 5.76
C VAL A 40 -5.15 26.97 7.10
N GLY A 41 -6.46 27.15 7.09
CA GLY A 41 -7.22 27.15 8.32
C GLY A 41 -7.32 25.72 8.81
N ILE A 42 -7.44 25.57 10.11
CA ILE A 42 -7.69 24.26 10.66
C ILE A 42 -9.13 23.92 10.35
N PRO A 43 -9.38 22.78 9.71
CA PRO A 43 -10.76 22.52 9.30
C PRO A 43 -11.67 22.25 10.49
N GLU A 44 -12.95 22.52 10.31
CA GLU A 44 -13.91 22.32 11.37
C GLU A 44 -14.78 21.17 10.92
N PRO A 45 -15.02 20.21 11.81
CA PRO A 45 -15.68 18.97 11.41
C PRO A 45 -17.19 19.09 11.30
N GLY A 46 -17.77 18.53 10.24
CA GLY A 46 -19.21 18.24 10.22
C GLY A 46 -19.61 17.26 11.33
N PRO A 47 -20.91 16.94 11.41
CA PRO A 47 -21.42 16.18 12.55
C PRO A 47 -20.95 14.72 12.59
N ASP A 48 -20.58 14.17 11.43
CA ASP A 48 -20.05 12.80 11.35
C ASP A 48 -18.52 12.73 11.16
N ASP A 49 -17.82 13.85 11.26
CA ASP A 49 -16.34 13.86 11.13
C ASP A 49 -15.58 13.84 12.44
N LEU A 50 -14.33 13.36 12.39
CA LEU A 50 -13.35 13.54 13.46
C LEU A 50 -12.26 14.50 12.97
N LEU A 51 -11.76 15.36 13.86
CA LEU A 51 -10.58 16.18 13.54
C LEU A 51 -9.41 15.51 14.24
N VAL A 52 -8.37 15.20 13.47
CA VAL A 52 -7.28 14.37 13.94
C VAL A 52 -5.98 15.12 13.79
N LYS A 53 -5.24 15.19 14.88
CA LYS A 53 -3.93 15.78 14.87
C LYS A 53 -3.00 14.67 14.41
N VAL A 54 -2.34 14.90 13.26
CA VAL A 54 -1.56 13.85 12.56
C VAL A 54 -0.26 13.57 13.32
N GLU A 55 0.00 12.30 13.61
CA GLU A 55 1.26 11.87 14.22
C GLU A 55 2.23 11.45 13.12
N ALA A 56 1.73 10.82 12.07
CA ALA A 56 2.54 10.50 10.92
C ALA A 56 1.70 10.32 9.66
N CYS A 57 2.24 10.74 8.52
CA CYS A 57 1.67 10.39 7.22
C CYS A 57 2.76 9.92 6.31
N GLY A 58 2.55 8.78 5.66
CA GLY A 58 3.55 8.21 4.77
C GLY A 58 3.48 8.81 3.38
N ILE A 59 4.62 8.90 2.72
CA ILE A 59 4.67 9.28 1.31
C ILE A 59 4.62 8.02 0.47
N CYS A 60 3.76 8.01 -0.54
CA CYS A 60 3.57 6.86 -1.44
C CYS A 60 4.10 7.27 -2.83
N GLY A 61 4.55 6.29 -3.62
CA GLY A 61 4.83 6.52 -5.04
C GLY A 61 3.64 7.08 -5.83
N THR A 62 2.42 6.80 -5.35
CA THR A 62 1.21 7.43 -5.92
C THR A 62 1.24 8.95 -5.77
N ASP A 63 1.87 9.44 -4.70
CA ASP A 63 1.93 10.89 -4.48
C ASP A 63 2.76 11.61 -5.56
N ARG A 64 3.83 10.97 -6.03
CA ARG A 64 4.62 11.47 -7.17
C ARG A 64 3.82 11.49 -8.47
N HIS A 65 3.08 10.43 -8.73
CA HIS A 65 2.16 10.37 -9.87
C HIS A 65 1.09 11.43 -9.83
N LEU A 66 0.59 11.71 -8.63
CA LEU A 66 -0.48 12.69 -8.47
C LEU A 66 0.06 14.08 -8.85
N LEU A 67 1.26 14.39 -8.37
CA LEU A 67 1.97 15.64 -8.68
C LEU A 67 2.12 15.89 -10.20
N HIS A 68 2.50 14.86 -10.95
CA HIS A 68 2.69 15.00 -12.39
C HIS A 68 1.47 14.66 -13.21
N GLY A 69 0.28 14.70 -12.60
CA GLY A 69 -0.97 14.42 -13.30
C GLY A 69 -1.16 13.04 -13.92
N GLU A 70 -0.35 12.06 -13.54
CA GLU A 70 -0.47 10.70 -14.09
C GLU A 70 -1.65 9.93 -13.50
N PHE A 71 -2.02 10.26 -12.26
CA PHE A 71 -3.31 9.88 -11.71
C PHE A 71 -4.09 11.17 -11.59
N PRO A 72 -5.42 11.13 -11.79
CA PRO A 72 -6.26 12.31 -11.58
C PRO A 72 -6.37 12.76 -10.12
N SER A 73 -6.81 14.00 -9.93
CA SER A 73 -7.06 14.58 -8.61
C SER A 73 -7.88 15.87 -8.75
N THR A 74 -8.31 16.44 -7.65
CA THR A 74 -9.08 17.69 -7.67
C THR A 74 -8.31 18.81 -6.96
N PRO A 75 -7.24 19.32 -7.61
CA PRO A 75 -6.47 20.40 -6.99
C PRO A 75 -7.30 21.69 -6.88
N PRO A 76 -6.92 22.60 -5.96
CA PRO A 76 -5.85 22.42 -5.00
C PRO A 76 -6.31 21.51 -3.84
N VAL A 77 -5.40 20.71 -3.30
CA VAL A 77 -5.76 19.72 -2.29
C VAL A 77 -4.54 19.32 -1.46
N THR A 78 -4.75 19.07 -0.18
CA THR A 78 -3.65 18.61 0.68
C THR A 78 -3.44 17.13 0.38
N LEU A 79 -2.20 16.78 0.09
CA LEU A 79 -1.86 15.38 -0.20
C LEU A 79 -1.72 14.58 1.10
N GLY A 80 -1.51 13.27 0.96
CA GLY A 80 -1.25 12.38 2.12
C GLY A 80 -2.45 11.48 2.45
N HIS A 81 -2.31 10.17 2.24
CA HIS A 81 -3.41 9.22 2.46
C HIS A 81 -3.03 7.98 3.29
N GLU A 82 -1.91 8.06 4.01
CA GLU A 82 -1.37 6.97 4.83
C GLU A 82 -1.07 7.50 6.22
N PHE A 83 -2.08 7.71 7.04
CA PHE A 83 -1.83 8.49 8.27
C PHE A 83 -2.50 7.92 9.49
N CYS A 84 -1.98 8.32 10.66
CA CYS A 84 -2.63 8.08 11.94
C CYS A 84 -2.50 9.32 12.82
N GLY A 85 -3.25 9.35 13.91
CA GLY A 85 -3.15 10.49 14.81
C GLY A 85 -4.18 10.49 15.91
N ILE A 86 -4.19 11.59 16.67
CA ILE A 86 -5.00 11.68 17.90
C ILE A 86 -6.24 12.55 17.62
N VAL A 87 -7.42 12.00 17.91
CA VAL A 87 -8.67 12.73 17.74
C VAL A 87 -8.67 13.95 18.69
N VAL A 88 -8.86 15.14 18.16
CA VAL A 88 -8.89 16.36 19.00
C VAL A 88 -10.27 17.02 19.01
N GLU A 89 -11.13 16.67 18.05
CA GLU A 89 -12.50 17.14 18.06
C GLU A 89 -13.38 16.11 17.35
N ALA A 90 -14.55 15.87 17.91
CA ALA A 90 -15.57 15.03 17.27
C ALA A 90 -16.77 15.90 16.86
N GLY A 91 -17.36 15.59 15.70
CA GLY A 91 -18.62 16.19 15.29
C GLY A 91 -19.78 15.73 16.16
N SER A 92 -20.85 16.54 16.17
CA SER A 92 -22.01 16.32 17.08
C SER A 92 -22.71 14.97 16.90
N ALA A 93 -22.66 14.40 15.70
CA ALA A 93 -23.27 13.09 15.44
C ALA A 93 -22.37 11.92 15.84
N VAL A 94 -21.09 12.19 16.08
CA VAL A 94 -20.17 11.12 16.49
C VAL A 94 -20.21 10.91 18.00
N ARG A 95 -20.54 9.68 18.42
CA ARG A 95 -20.71 9.36 19.85
C ARG A 95 -19.85 8.19 20.40
N ASP A 96 -19.20 7.41 19.53
CA ASP A 96 -18.40 6.25 20.00
C ASP A 96 -16.86 6.39 19.95
N ILE A 97 -16.35 7.51 19.43
CA ILE A 97 -14.91 7.78 19.50
C ILE A 97 -14.72 9.20 19.99
N ALA A 98 -14.03 9.37 21.10
CA ALA A 98 -13.87 10.69 21.69
C ALA A 98 -12.45 11.22 21.50
N PRO A 99 -12.30 12.56 21.57
CA PRO A 99 -11.01 13.19 21.76
C PRO A 99 -10.10 12.38 22.69
N GLY A 100 -8.83 12.28 22.30
CA GLY A 100 -7.85 11.45 23.02
C GLY A 100 -7.58 10.10 22.36
N ALA A 101 -8.56 9.58 21.59
CA ALA A 101 -8.39 8.28 20.93
C ALA A 101 -7.37 8.41 19.80
N ARG A 102 -6.63 7.34 19.58
CA ARG A 102 -5.78 7.28 18.39
C ARG A 102 -6.51 6.51 17.30
N ILE A 103 -6.44 7.01 16.08
CA ILE A 103 -7.05 6.34 14.93
C ILE A 103 -6.08 6.32 13.75
N THR A 104 -6.30 5.36 12.85
CA THR A 104 -5.71 5.33 11.53
C THR A 104 -6.87 5.54 10.57
N GLY A 105 -6.61 6.20 9.45
CA GLY A 105 -7.69 6.47 8.51
C GLY A 105 -7.67 5.61 7.27
N ASP A 106 -8.83 5.08 6.90
CA ASP A 106 -9.01 4.49 5.57
C ASP A 106 -9.31 5.66 4.63
N PRO A 107 -8.41 5.95 3.68
CA PRO A 107 -8.67 7.12 2.84
C PRO A 107 -9.78 6.92 1.79
N ASN A 108 -10.19 5.68 1.53
CA ASN A 108 -11.08 5.41 0.39
C ASN A 108 -12.53 5.45 0.80
N ILE A 109 -13.22 6.51 0.37
CA ILE A 109 -14.62 6.72 0.73
C ILE A 109 -15.49 6.20 -0.39
N SER A 110 -16.32 5.21 -0.09
CA SER A 110 -17.21 4.64 -1.08
C SER A 110 -18.60 5.23 -0.87
N CYS A 111 -19.42 5.25 -1.90
CA CYS A 111 -20.71 5.97 -1.82
C CYS A 111 -21.87 5.15 -1.21
N GLY A 112 -21.81 3.83 -1.27
CA GLY A 112 -22.89 2.99 -0.73
C GLY A 112 -24.18 2.96 -1.56
N ARG A 113 -24.18 3.55 -2.75
CA ARG A 113 -25.45 3.62 -3.49
C ARG A 113 -25.35 3.21 -4.94
N CYS A 114 -24.14 2.99 -5.44
CA CYS A 114 -23.93 2.51 -6.78
C CYS A 114 -23.96 0.99 -6.82
N PRO A 115 -24.03 0.40 -8.02
CA PRO A 115 -24.23 -1.07 -8.05
C PRO A 115 -23.05 -1.89 -7.47
N GLN A 116 -21.82 -1.41 -7.68
CA GLN A 116 -20.64 -2.04 -7.06
C GLN A 116 -20.77 -2.03 -5.53
N CYS A 117 -21.13 -0.87 -4.97
CA CYS A 117 -21.29 -0.74 -3.54
C CYS A 117 -22.37 -1.66 -2.96
N GLN A 118 -23.49 -1.77 -3.67
CA GLN A 118 -24.63 -2.59 -3.22
C GLN A 118 -24.37 -4.08 -3.39
N ALA A 119 -23.39 -4.42 -4.22
CA ALA A 119 -22.92 -5.79 -4.36
C ALA A 119 -21.77 -6.11 -3.37
N GLY A 120 -21.38 -5.17 -2.55
CA GLY A 120 -20.29 -5.38 -1.58
C GLY A 120 -18.89 -5.15 -2.16
N ARG A 121 -18.80 -4.70 -3.41
CA ARG A 121 -17.50 -4.49 -4.05
C ARG A 121 -17.16 -2.98 -3.86
N VAL A 122 -16.97 -2.58 -2.59
CA VAL A 122 -16.84 -1.17 -2.24
C VAL A 122 -15.56 -0.54 -2.82
N ASN A 123 -14.52 -1.35 -3.04
CA ASN A 123 -13.32 -0.87 -3.71
C ASN A 123 -13.56 -0.51 -5.17
N LEU A 124 -14.64 -1.01 -5.75
CA LEU A 124 -14.97 -0.71 -7.15
C LEU A 124 -16.06 0.35 -7.29
N CYS A 125 -16.38 1.02 -6.18
CA CYS A 125 -17.32 2.13 -6.20
C CYS A 125 -17.06 3.05 -7.40
N ARG A 126 -18.10 3.37 -8.19
CA ARG A 126 -17.89 4.28 -9.32
C ARG A 126 -17.88 5.77 -8.93
N ASN A 127 -18.18 6.06 -7.67
CA ASN A 127 -18.11 7.40 -7.12
C ASN A 127 -17.03 7.52 -6.04
N LEU A 128 -15.97 6.73 -6.15
CA LEU A 128 -14.93 6.68 -5.09
C LEU A 128 -14.23 8.03 -4.88
N ARG A 129 -14.13 8.47 -3.64
CA ARG A 129 -13.30 9.63 -3.31
C ARG A 129 -12.24 9.24 -2.26
N ALA A 130 -11.01 9.66 -2.51
CA ALA A 130 -9.91 9.36 -1.60
C ALA A 130 -9.43 10.62 -0.87
N ILE A 131 -9.34 10.52 0.46
CA ILE A 131 -8.64 11.50 1.28
C ILE A 131 -7.19 11.56 0.77
N GLY A 132 -6.68 12.78 0.55
CA GLY A 132 -5.36 13.01 -0.04
C GLY A 132 -5.37 13.06 -1.57
N ILE A 133 -6.54 12.94 -2.19
CA ILE A 133 -6.65 12.99 -3.64
C ILE A 133 -7.79 13.92 -4.11
N HIS A 134 -9.00 13.63 -3.64
CA HIS A 134 -10.20 14.44 -3.90
C HIS A 134 -10.61 15.23 -2.68
N ARG A 135 -9.95 14.99 -1.56
CA ARG A 135 -10.20 15.67 -0.30
C ARG A 135 -8.87 15.89 0.41
N ASP A 136 -8.79 16.93 1.24
CA ASP A 136 -7.58 17.29 1.97
C ASP A 136 -7.10 16.14 2.88
N GLY A 137 -5.83 15.79 2.75
CA GLY A 137 -5.26 14.62 3.42
C GLY A 137 -4.27 14.91 4.52
N GLY A 138 -3.34 13.98 4.72
CA GLY A 138 -2.64 13.89 5.98
C GLY A 138 -1.31 14.59 6.08
N PHE A 139 -0.84 15.22 5.01
CA PHE A 139 0.40 16.00 5.10
C PHE A 139 0.01 17.39 5.64
N ALA A 140 -0.44 17.42 6.88
CA ALA A 140 -0.87 18.64 7.57
C ALA A 140 -0.92 18.33 9.04
N GLU A 141 -0.92 19.37 9.86
CA GLU A 141 -1.01 19.18 11.30
C GLU A 141 -2.32 18.54 11.70
N TYR A 142 -3.38 18.78 10.93
CA TYR A 142 -4.72 18.22 11.23
C TYR A 142 -5.36 17.77 9.98
N VAL A 143 -6.23 16.76 10.12
CA VAL A 143 -6.93 16.17 9.01
C VAL A 143 -8.33 15.80 9.46
N LEU A 144 -9.32 16.03 8.60
CA LEU A 144 -10.72 15.59 8.83
C LEU A 144 -10.92 14.18 8.34
N VAL A 145 -11.44 13.32 9.21
CA VAL A 145 -11.69 11.92 8.89
C VAL A 145 -13.13 11.56 9.20
N PRO A 146 -13.97 11.30 8.18
CA PRO A 146 -15.34 10.88 8.49
C PRO A 146 -15.33 9.65 9.38
N ARG A 147 -16.26 9.56 10.33
CA ARG A 147 -16.22 8.48 11.33
C ARG A 147 -16.08 7.07 10.73
N LYS A 148 -16.82 6.79 9.67
CA LYS A 148 -16.79 5.45 9.07
C LYS A 148 -15.41 5.10 8.53
N GLN A 149 -14.56 6.09 8.32
CA GLN A 149 -13.21 5.89 7.77
C GLN A 149 -12.15 5.80 8.88
N ALA A 150 -12.56 5.81 10.14
CA ALA A 150 -11.66 5.92 11.25
C ALA A 150 -11.61 4.60 11.99
N PHE A 151 -10.40 4.11 12.23
CA PHE A 151 -10.24 2.84 12.92
C PHE A 151 -9.37 3.08 14.15
N GLU A 152 -9.96 2.83 15.30
CA GLU A 152 -9.28 3.03 16.57
C GLU A 152 -8.14 2.03 16.80
N ILE A 153 -7.01 2.52 17.28
CA ILE A 153 -5.87 1.67 17.62
C ILE A 153 -5.30 2.11 19.00
N PRO A 154 -4.57 1.22 19.69
CA PRO A 154 -4.08 1.51 21.06
C PRO A 154 -3.17 2.72 21.19
N LEU A 155 -3.41 3.46 22.25
CA LEU A 155 -2.54 4.54 22.69
C LEU A 155 -1.15 4.06 23.09
N THR A 156 -1.01 2.80 23.49
CA THR A 156 0.30 2.29 23.90
C THR A 156 1.26 2.05 22.71
N LEU A 157 0.74 2.15 21.49
CA LEU A 157 1.50 1.86 20.31
C LEU A 157 2.56 2.93 20.03
N ASP A 158 3.64 2.56 19.37
CA ASP A 158 4.54 3.55 18.75
C ASP A 158 3.69 4.53 17.91
N PRO A 159 3.87 5.85 18.13
CA PRO A 159 2.99 6.84 17.47
C PRO A 159 2.95 6.80 15.95
N VAL A 160 4.00 6.30 15.29
CA VAL A 160 4.03 6.36 13.84
C VAL A 160 3.53 5.10 13.16
N HIS A 161 3.29 4.04 13.94
CA HIS A 161 3.01 2.72 13.35
C HIS A 161 1.70 2.67 12.60
N GLY A 162 0.69 3.39 13.09
CA GLY A 162 -0.60 3.50 12.43
C GLY A 162 -0.57 3.97 10.99
N ALA A 163 0.47 4.71 10.62
CA ALA A 163 0.57 5.21 9.27
C ALA A 163 0.73 4.06 8.23
N PHE A 164 1.10 2.87 8.68
CA PHE A 164 1.27 1.69 7.80
C PHE A 164 0.00 0.87 7.56
N CYS A 165 -1.09 1.17 8.25
CA CYS A 165 -2.29 0.34 8.13
C CYS A 165 -2.87 0.34 6.73
N GLU A 166 -2.81 1.49 6.05
CA GLU A 166 -3.29 1.59 4.67
C GLU A 166 -2.50 0.74 3.65
N PRO A 167 -1.18 0.92 3.53
CA PRO A 167 -0.50 0.02 2.60
C PRO A 167 -0.54 -1.46 3.03
N LEU A 168 -0.50 -1.73 4.34
CA LEU A 168 -0.67 -3.11 4.82
C LEU A 168 -2.02 -3.73 4.40
N ALA A 169 -3.10 -2.99 4.52
CA ALA A 169 -4.44 -3.41 4.11
C ALA A 169 -4.52 -3.73 2.59
N CYS A 170 -3.86 -2.93 1.77
CA CYS A 170 -3.75 -3.25 0.33
CA CYS A 170 -3.71 -3.21 0.33
C CYS A 170 -3.06 -4.59 0.11
N CYS A 171 -1.95 -4.83 0.80
CA CYS A 171 -1.22 -6.09 0.70
C CYS A 171 -2.01 -7.28 1.24
N LEU A 172 -2.76 -7.07 2.31
CA LEU A 172 -3.57 -8.11 2.94
C LEU A 172 -4.67 -8.52 1.97
N HIS A 173 -5.28 -7.56 1.29
CA HIS A 173 -6.32 -7.92 0.29
C HIS A 173 -5.71 -8.80 -0.79
N GLY A 174 -4.49 -8.47 -1.21
CA GLY A 174 -3.80 -9.25 -2.24
C GLY A 174 -3.49 -10.66 -1.75
N VAL A 175 -3.00 -10.77 -0.52
CA VAL A 175 -2.66 -12.05 0.03
C VAL A 175 -3.92 -12.91 0.21
N ASP A 176 -5.03 -12.31 0.64
CA ASP A 176 -6.33 -13.00 0.73
C ASP A 176 -6.70 -13.57 -0.66
N LEU A 177 -6.67 -12.74 -1.69
CA LEU A 177 -6.98 -13.22 -3.04
C LEU A 177 -6.11 -14.39 -3.53
N SER A 178 -4.84 -14.42 -3.10
CA SER A 178 -3.84 -15.35 -3.60
C SER A 178 -4.08 -16.79 -3.17
N GLY A 179 -4.79 -17.01 -2.06
CA GLY A 179 -4.97 -18.35 -1.54
C GLY A 179 -3.75 -18.90 -0.77
N ILE A 180 -2.72 -18.08 -0.52
CA ILE A 180 -1.58 -18.53 0.28
C ILE A 180 -2.11 -19.17 1.56
N LYS A 181 -1.60 -20.34 1.89
CA LYS A 181 -1.94 -21.03 3.12
C LYS A 181 -0.73 -21.79 3.66
N ALA A 182 -0.92 -22.56 4.74
CA ALA A 182 0.17 -23.31 5.38
C ALA A 182 0.85 -24.23 4.39
N GLY A 183 2.16 -23.99 4.18
CA GLY A 183 2.95 -24.77 3.25
C GLY A 183 3.08 -24.23 1.83
N SER A 184 2.38 -23.16 1.49
CA SER A 184 2.55 -22.53 0.16
C SER A 184 3.97 -22.08 -0.14
N THR A 185 4.31 -22.08 -1.41
CA THR A 185 5.55 -21.51 -1.90
C THR A 185 5.15 -20.27 -2.72
N VAL A 186 5.95 -19.22 -2.58
CA VAL A 186 5.59 -17.86 -3.01
C VAL A 186 6.80 -17.16 -3.58
N ALA A 187 6.60 -16.49 -4.69
CA ALA A 187 7.55 -15.52 -5.24
C ALA A 187 6.91 -14.14 -5.25
N ILE A 188 7.66 -13.14 -4.79
CA ILE A 188 7.23 -11.75 -4.79
C ILE A 188 8.17 -10.94 -5.68
N LEU A 189 7.61 -10.22 -6.64
CA LEU A 189 8.39 -9.45 -7.63
C LEU A 189 8.32 -7.95 -7.31
N GLY A 190 9.42 -7.42 -6.76
CA GLY A 190 9.53 -6.00 -6.46
C GLY A 190 9.70 -5.82 -4.97
N GLY A 191 10.74 -5.11 -4.58
CA GLY A 191 11.11 -4.94 -3.18
C GLY A 191 10.92 -3.55 -2.62
N GLY A 192 9.89 -2.84 -3.10
CA GLY A 192 9.41 -1.62 -2.44
C GLY A 192 8.65 -1.95 -1.18
N VAL A 193 8.03 -0.96 -0.58
CA VAL A 193 7.25 -1.22 0.61
C VAL A 193 6.14 -2.26 0.44
N ILE A 194 5.52 -2.34 -0.76
CA ILE A 194 4.42 -3.31 -0.98
C ILE A 194 4.96 -4.75 -1.01
N GLY A 195 6.03 -4.95 -1.76
CA GLY A 195 6.71 -6.22 -1.81
C GLY A 195 7.13 -6.68 -0.43
N LEU A 196 7.72 -5.77 0.35
CA LEU A 196 8.27 -6.16 1.63
C LEU A 196 7.20 -6.42 2.66
N LEU A 197 6.12 -5.63 2.65
CA LEU A 197 5.00 -5.94 3.53
C LEU A 197 4.40 -7.27 3.09
N THR A 198 4.36 -7.50 1.79
CA THR A 198 3.80 -8.75 1.27
C THR A 198 4.65 -9.99 1.66
N VAL A 199 5.97 -9.82 1.71
CA VAL A 199 6.85 -10.91 2.20
C VAL A 199 6.37 -11.30 3.60
N GLN A 200 6.14 -10.28 4.44
CA GLN A 200 5.76 -10.53 5.82
C GLN A 200 4.39 -11.14 5.91
N LEU A 201 3.45 -10.62 5.15
CA LEU A 201 2.10 -11.21 5.15
C LEU A 201 2.11 -12.64 4.57
N ALA A 202 2.92 -12.92 3.55
CA ALA A 202 3.07 -14.28 3.04
C ALA A 202 3.53 -15.26 4.11
N ARG A 203 4.57 -14.91 4.90
CA ARG A 203 5.03 -15.76 5.99
C ARG A 203 3.95 -15.95 7.03
N LEU A 204 3.28 -14.85 7.42
CA LEU A 204 2.20 -14.91 8.43
C LEU A 204 1.02 -15.80 7.97
N ALA A 205 0.70 -15.76 6.68
CA ALA A 205 -0.37 -16.62 6.12
C ALA A 205 0.03 -18.08 5.90
N GLY A 206 1.31 -18.40 6.16
CA GLY A 206 1.76 -19.80 6.27
C GLY A 206 2.73 -20.29 5.19
N ALA A 207 3.12 -19.40 4.28
CA ALA A 207 4.05 -19.76 3.22
C ALA A 207 5.33 -20.21 3.87
N THR A 208 5.87 -21.35 3.46
CA THR A 208 7.14 -21.81 4.01
C THR A 208 8.33 -21.52 3.10
N THR A 209 8.08 -21.19 1.84
CA THR A 209 9.11 -20.59 0.98
C THR A 209 8.57 -19.25 0.50
N VAL A 210 9.33 -18.18 0.71
CA VAL A 210 8.97 -16.83 0.26
C VAL A 210 10.20 -16.22 -0.37
N ILE A 211 10.15 -16.12 -1.68
CA ILE A 211 11.31 -15.66 -2.44
C ILE A 211 11.01 -14.26 -2.91
N LEU A 212 11.95 -13.33 -2.69
CA LEU A 212 11.76 -11.95 -3.19
C LEU A 212 12.78 -11.54 -4.23
N SER A 213 12.30 -11.06 -5.36
CA SER A 213 13.18 -10.59 -6.43
C SER A 213 13.23 -9.05 -6.41
N THR A 214 14.43 -8.47 -6.29
CA THR A 214 14.58 -7.01 -6.38
C THR A 214 16.06 -6.72 -6.74
N ARG A 215 16.31 -5.63 -7.46
CA ARG A 215 17.67 -5.34 -7.98
C ARG A 215 18.62 -4.78 -6.92
N GLN A 216 18.07 -4.07 -5.92
CA GLN A 216 18.89 -3.47 -4.87
C GLN A 216 19.22 -4.46 -3.77
N ALA A 217 20.53 -4.58 -3.52
CA ALA A 217 21.08 -5.40 -2.45
C ALA A 217 20.48 -5.05 -1.08
N THR A 218 20.40 -3.75 -0.79
CA THR A 218 19.94 -3.32 0.52
C THR A 218 18.52 -3.85 0.77
N LYS A 219 17.69 -3.83 -0.28
CA LYS A 219 16.31 -4.28 -0.17
C LYS A 219 16.18 -5.81 -0.12
N ARG A 220 17.08 -6.53 -0.79
CA ARG A 220 17.16 -7.97 -0.59
C ARG A 220 17.54 -8.34 0.84
N ARG A 221 18.52 -7.63 1.44
CA ARG A 221 18.91 -7.92 2.82
CA ARG A 221 18.90 -7.90 2.82
C ARG A 221 17.74 -7.63 3.78
N LEU A 222 17.06 -6.51 3.57
CA LEU A 222 15.91 -6.19 4.40
C LEU A 222 14.80 -7.27 4.25
N ALA A 223 14.56 -7.71 3.03
CA ALA A 223 13.57 -8.77 2.78
C ALA A 223 13.88 -9.97 3.66
N GLU A 224 15.15 -10.36 3.73
CA GLU A 224 15.59 -11.48 4.56
C GLU A 224 15.42 -11.21 6.05
N GLU A 225 15.54 -9.96 6.47
CA GLU A 225 15.31 -9.67 7.91
C GLU A 225 13.84 -9.73 8.29
N VAL A 226 12.94 -9.60 7.31
CA VAL A 226 11.52 -9.55 7.64
C VAL A 226 10.75 -10.74 7.12
N GLY A 227 11.45 -11.77 6.68
CA GLY A 227 10.81 -13.07 6.46
C GLY A 227 11.11 -13.81 5.17
N ALA A 228 11.77 -13.20 4.21
CA ALA A 228 12.06 -13.90 2.98
C ALA A 228 13.03 -15.05 3.27
N THR A 229 12.74 -16.22 2.71
CA THR A 229 13.58 -17.41 2.89
C THR A 229 14.70 -17.40 1.87
N ALA A 230 14.52 -16.65 0.78
CA ALA A 230 15.57 -16.45 -0.19
C ALA A 230 15.26 -15.22 -0.97
N THR A 231 16.28 -14.69 -1.63
CA THR A 231 16.12 -13.56 -2.50
C THR A 231 16.88 -13.82 -3.81
N VAL A 232 16.46 -13.16 -4.87
CA VAL A 232 17.12 -13.25 -6.18
C VAL A 232 17.30 -11.86 -6.77
N ASP A 233 18.31 -11.73 -7.60
CA ASP A 233 18.67 -10.48 -8.22
C ASP A 233 18.46 -10.62 -9.71
N PRO A 234 17.47 -9.91 -10.27
CA PRO A 234 17.20 -10.07 -11.68
C PRO A 234 18.28 -9.50 -12.59
N SER A 235 19.20 -8.71 -12.06
CA SER A 235 20.40 -8.29 -12.84
C SER A 235 21.38 -9.43 -13.07
N ALA A 236 21.40 -10.37 -12.14
CA ALA A 236 22.43 -11.39 -12.09
C ALA A 236 22.16 -12.58 -12.99
N GLY A 237 21.02 -12.62 -13.66
CA GLY A 237 20.64 -13.77 -14.47
C GLY A 237 19.13 -13.94 -14.63
N ASP A 238 18.72 -14.97 -15.34
CA ASP A 238 17.31 -15.21 -15.65
C ASP A 238 16.56 -15.60 -14.38
N VAL A 239 15.73 -14.69 -13.89
CA VAL A 239 14.94 -14.90 -12.68
C VAL A 239 14.05 -16.15 -12.79
N VAL A 240 13.48 -16.40 -13.99
CA VAL A 240 12.56 -17.53 -14.21
C VAL A 240 13.29 -18.85 -13.99
N GLU A 241 14.48 -18.97 -14.58
CA GLU A 241 15.36 -20.12 -14.33
C GLU A 241 15.87 -20.17 -12.89
N ALA A 242 16.26 -19.03 -12.33
CA ALA A 242 16.73 -19.01 -10.93
C ALA A 242 15.67 -19.53 -9.94
N ILE A 243 14.40 -19.16 -10.20
CA ILE A 243 13.31 -19.59 -9.29
C ILE A 243 12.66 -20.91 -9.67
N ALA A 244 12.20 -21.03 -10.92
CA ALA A 244 11.32 -22.11 -11.35
C ALA A 244 11.99 -23.19 -12.19
N GLY A 245 13.18 -22.91 -12.69
CA GLY A 245 13.87 -23.83 -13.60
C GLY A 245 14.31 -25.11 -12.91
N PRO A 246 14.74 -26.09 -13.72
CA PRO A 246 15.13 -27.42 -13.21
C PRO A 246 16.13 -27.42 -12.04
N VAL A 247 17.07 -26.48 -12.01
CA VAL A 247 17.99 -26.38 -10.87
C VAL A 247 17.80 -25.05 -10.11
N GLY A 248 16.56 -24.53 -10.11
CA GLY A 248 16.26 -23.30 -9.40
C GLY A 248 15.81 -23.52 -7.97
N LEU A 249 15.37 -22.46 -7.31
CA LEU A 249 14.93 -22.58 -5.92
C LEU A 249 13.74 -23.48 -5.69
N VAL A 250 12.79 -23.48 -6.62
CA VAL A 250 11.57 -24.25 -6.51
C VAL A 250 11.28 -24.79 -7.92
N PRO A 251 11.98 -25.89 -8.31
CA PRO A 251 11.79 -26.47 -9.64
C PRO A 251 10.32 -26.74 -9.97
N GLY A 252 9.87 -26.23 -11.11
CA GLY A 252 8.49 -26.39 -11.57
C GLY A 252 7.55 -25.24 -11.21
N GLY A 253 8.03 -24.28 -10.42
CA GLY A 253 7.22 -23.11 -10.12
C GLY A 253 6.69 -23.08 -8.71
N VAL A 254 6.28 -21.89 -8.28
CA VAL A 254 5.75 -21.67 -6.95
C VAL A 254 4.22 -21.74 -7.02
N ASP A 255 3.55 -21.91 -5.87
CA ASP A 255 2.10 -21.85 -5.78
C ASP A 255 1.53 -20.47 -6.13
N VAL A 256 2.20 -19.43 -5.68
CA VAL A 256 1.71 -18.06 -5.76
C VAL A 256 2.80 -17.10 -6.13
N VAL A 257 2.52 -16.31 -7.16
CA VAL A 257 3.35 -15.18 -7.55
C VAL A 257 2.56 -13.90 -7.26
N ILE A 258 3.16 -12.95 -6.54
CA ILE A 258 2.58 -11.64 -6.29
C ILE A 258 3.46 -10.59 -6.92
N GLU A 259 2.93 -9.95 -7.98
CA GLU A 259 3.65 -8.94 -8.72
C GLU A 259 3.46 -7.57 -8.05
N CYS A 260 4.56 -6.99 -7.56
CA CYS A 260 4.55 -5.80 -6.70
C CYS A 260 5.49 -4.70 -7.24
N ALA A 261 5.80 -4.73 -8.52
CA ALA A 261 6.77 -3.82 -9.13
C ALA A 261 6.11 -2.82 -10.05
N GLY A 262 5.11 -3.26 -10.79
CA GLY A 262 4.41 -2.41 -11.70
C GLY A 262 5.21 -2.02 -12.93
N VAL A 263 5.96 -2.99 -13.48
CA VAL A 263 6.74 -2.81 -14.70
C VAL A 263 6.47 -4.01 -15.57
N ALA A 264 6.69 -3.85 -16.87
CA ALA A 264 6.26 -4.85 -17.85
C ALA A 264 6.96 -6.16 -17.66
N GLU A 265 8.24 -6.11 -17.26
CA GLU A 265 9.04 -7.32 -17.11
C GLU A 265 8.50 -8.29 -16.03
N THR A 266 8.09 -7.76 -14.89
CA THR A 266 7.64 -8.60 -13.78
C THR A 266 6.24 -9.16 -14.09
N VAL A 267 5.37 -8.32 -14.63
CA VAL A 267 4.07 -8.82 -15.10
C VAL A 267 4.29 -9.97 -16.07
N LYS A 268 5.22 -9.79 -17.00
CA LYS A 268 5.52 -10.78 -18.03
C LYS A 268 6.14 -12.10 -17.48
N GLN A 269 7.05 -12.02 -16.53
CA GLN A 269 7.61 -13.21 -15.90
C GLN A 269 6.61 -13.98 -14.99
N SER A 270 5.63 -13.27 -14.41
CA SER A 270 4.76 -13.83 -13.37
CA SER A 270 4.79 -13.83 -13.36
C SER A 270 4.20 -15.22 -13.71
N THR A 271 3.55 -15.34 -14.86
CA THR A 271 2.96 -16.67 -15.21
C THR A 271 3.98 -17.81 -15.38
N ARG A 272 5.18 -17.51 -15.86
CA ARG A 272 6.19 -18.55 -16.05
C ARG A 272 6.83 -18.96 -14.71
N LEU A 273 6.65 -18.18 -13.66
CA LEU A 273 7.12 -18.56 -12.33
C LEU A 273 6.15 -19.46 -11.58
N ALA A 274 4.88 -19.39 -11.95
CA ALA A 274 3.84 -20.17 -11.30
C ALA A 274 3.89 -21.63 -11.71
N LYS A 275 3.72 -22.55 -10.77
CA LYS A 275 3.51 -23.96 -11.09
C LYS A 275 2.14 -24.17 -11.77
N ALA A 276 1.92 -25.35 -12.30
CA ALA A 276 0.64 -25.67 -12.95
C ALA A 276 -0.38 -25.65 -11.83
N GLY A 277 -1.52 -25.03 -12.06
CA GLY A 277 -2.50 -24.89 -11.04
C GLY A 277 -2.29 -23.68 -10.12
N GLY A 278 -1.23 -22.91 -10.36
CA GLY A 278 -0.91 -21.72 -9.53
C GLY A 278 -1.67 -20.45 -9.82
N THR A 279 -1.39 -19.44 -9.00
CA THR A 279 -2.04 -18.14 -9.00
C THR A 279 -1.04 -17.00 -9.12
N VAL A 280 -1.37 -16.07 -9.98
CA VAL A 280 -0.71 -14.78 -10.06
C VAL A 280 -1.61 -13.68 -9.54
N VAL A 281 -1.12 -12.90 -8.57
CA VAL A 281 -1.83 -11.70 -8.13
C VAL A 281 -1.10 -10.44 -8.55
N ILE A 282 -1.80 -9.56 -9.29
CA ILE A 282 -1.24 -8.29 -9.77
C ILE A 282 -1.58 -7.18 -8.81
N LEU A 283 -0.57 -6.74 -8.04
CA LEU A 283 -0.74 -5.60 -7.14
C LEU A 283 -0.17 -4.35 -7.81
N GLY A 284 0.83 -4.55 -8.66
CA GLY A 284 1.57 -3.47 -9.27
C GLY A 284 0.76 -2.72 -10.29
N VAL A 285 0.91 -1.42 -10.31
CA VAL A 285 0.19 -0.58 -11.26
C VAL A 285 1.07 -0.29 -12.45
N LEU A 286 0.68 -0.81 -13.62
CA LEU A 286 1.32 -0.50 -14.89
C LEU A 286 0.59 0.67 -15.56
N PRO A 287 1.32 1.59 -16.23
CA PRO A 287 0.63 2.76 -16.81
C PRO A 287 -0.54 2.37 -17.71
N GLN A 288 -1.64 3.10 -17.58
CA GLN A 288 -2.84 2.86 -18.39
C GLN A 288 -2.49 2.72 -19.88
N GLY A 289 -3.23 1.89 -20.59
CA GLY A 289 -2.96 1.67 -22.00
C GLY A 289 -1.75 0.82 -22.35
N GLU A 290 -0.82 0.61 -21.42
CA GLU A 290 0.36 -0.20 -21.71
C GLU A 290 0.01 -1.69 -21.75
N LYS A 291 0.60 -2.39 -22.71
CA LYS A 291 0.20 -3.73 -23.07
C LYS A 291 1.32 -4.70 -22.79
N VAL A 292 0.94 -5.90 -22.36
CA VAL A 292 1.89 -6.98 -22.10
C VAL A 292 1.33 -8.28 -22.68
N GLU A 293 2.22 -9.11 -23.17
CA GLU A 293 1.83 -10.35 -23.80
C GLU A 293 1.68 -11.50 -22.80
N ILE A 294 0.60 -12.26 -22.97
CA ILE A 294 0.43 -13.52 -22.26
C ILE A 294 0.31 -14.58 -23.32
N GLU A 295 0.40 -15.84 -22.88
CA GLU A 295 0.24 -17.00 -23.73
C GLU A 295 -0.98 -17.80 -23.27
N PRO A 296 -2.13 -17.57 -23.94
CA PRO A 296 -3.35 -18.24 -23.51
C PRO A 296 -3.29 -19.77 -23.48
N PHE A 297 -2.48 -20.37 -24.35
CA PHE A 297 -2.31 -21.81 -24.34
C PHE A 297 -1.83 -22.27 -22.96
N ASP A 298 -0.86 -21.53 -22.39
CA ASP A 298 -0.24 -21.90 -21.12
C ASP A 298 -1.23 -21.68 -19.95
N ILE A 299 -1.93 -20.55 -19.97
CA ILE A 299 -2.98 -20.25 -18.99
C ILE A 299 -4.02 -21.38 -18.92
N LEU A 300 -4.40 -21.91 -20.08
CA LEU A 300 -5.36 -22.98 -20.16
C LEU A 300 -4.73 -24.30 -19.72
N PHE A 301 -3.71 -24.76 -20.45
CA PHE A 301 -3.12 -26.07 -20.18
C PHE A 301 -2.51 -26.20 -18.79
N ARG A 302 -2.08 -25.10 -18.19
CA ARG A 302 -1.58 -25.19 -16.82
C ARG A 302 -2.59 -24.63 -15.82
N GLU A 303 -3.84 -24.44 -16.25
CA GLU A 303 -4.94 -23.96 -15.40
C GLU A 303 -4.51 -22.89 -14.35
N LEU A 304 -3.98 -21.79 -14.85
CA LEU A 304 -3.62 -20.66 -14.03
C LEU A 304 -4.79 -19.74 -13.67
N ARG A 305 -4.60 -19.02 -12.55
CA ARG A 305 -5.48 -17.92 -12.18
CA ARG A 305 -5.47 -17.91 -12.12
C ARG A 305 -4.64 -16.63 -12.20
N VAL A 306 -5.11 -15.62 -12.94
CA VAL A 306 -4.50 -14.29 -12.94
C VAL A 306 -5.53 -13.30 -12.37
N LEU A 307 -5.19 -12.72 -11.22
CA LEU A 307 -6.14 -11.91 -10.44
C LEU A 307 -5.61 -10.50 -10.18
N GLY A 308 -6.38 -9.49 -10.56
CA GLY A 308 -6.11 -8.14 -10.15
C GLY A 308 -6.53 -7.91 -8.70
N SER A 309 -5.76 -7.10 -7.99
CA SER A 309 -6.05 -6.77 -6.59
C SER A 309 -6.03 -5.27 -6.40
N PHE A 310 -7.18 -4.70 -6.05
CA PHE A 310 -7.34 -3.24 -5.99
C PHE A 310 -7.76 -2.75 -4.61
N ILE A 311 -6.87 -1.94 -4.01
CA ILE A 311 -6.97 -1.33 -2.67
C ILE A 311 -7.49 -2.28 -1.58
N ASN A 312 -8.38 -1.79 -0.71
CA ASN A 312 -8.51 -2.31 0.65
C ASN A 312 -9.93 -2.64 1.13
N PRO A 313 -10.74 -3.33 0.31
CA PRO A 313 -12.15 -3.57 0.72
C PRO A 313 -12.31 -4.48 1.97
N PHE A 314 -12.89 -3.95 3.06
CA PHE A 314 -13.18 -4.69 4.29
C PHE A 314 -12.00 -5.34 5.01
N VAL A 315 -10.79 -4.84 4.79
CA VAL A 315 -9.60 -5.39 5.44
C VAL A 315 -8.92 -4.39 6.38
N HIS A 316 -9.44 -3.16 6.51
CA HIS A 316 -8.73 -2.15 7.28
C HIS A 316 -8.64 -2.47 8.76
N ARG A 317 -9.72 -3.02 9.32
CA ARG A 317 -9.74 -3.43 10.73
C ARG A 317 -8.75 -4.53 10.97
N ARG A 318 -8.73 -5.55 10.12
CA ARG A 318 -7.71 -6.57 10.29
C ARG A 318 -6.30 -5.98 10.18
N ALA A 319 -6.08 -5.03 9.26
CA ALA A 319 -4.74 -4.46 9.11
C ALA A 319 -4.35 -3.69 10.36
N ALA A 320 -5.29 -2.94 10.91
CA ALA A 320 -5.05 -2.17 12.11
C ALA A 320 -4.72 -3.08 13.27
N ASP A 321 -5.40 -4.23 13.34
CA ASP A 321 -5.14 -5.19 14.42
C ASP A 321 -3.81 -5.87 14.29
N LEU A 322 -3.36 -6.14 13.06
CA LEU A 322 -2.01 -6.72 12.89
C LEU A 322 -0.94 -5.75 13.41
N VAL A 323 -1.12 -4.46 13.14
CA VAL A 323 -0.15 -3.50 13.60
C VAL A 323 -0.22 -3.36 15.12
N ALA A 324 -1.45 -3.33 15.66
CA ALA A 324 -1.70 -3.24 17.10
C ALA A 324 -1.12 -4.42 17.90
N THR A 325 -1.10 -5.63 17.34
CA THR A 325 -0.55 -6.75 18.06
C THR A 325 0.93 -6.94 17.79
N GLY A 326 1.55 -6.12 16.92
CA GLY A 326 2.98 -6.26 16.66
C GLY A 326 3.37 -7.47 15.81
N ALA A 327 2.43 -7.99 15.00
CA ALA A 327 2.69 -9.15 14.15
C ALA A 327 3.52 -8.76 12.92
N ILE A 328 3.56 -7.47 12.61
CA ILE A 328 4.29 -6.97 11.46
C ILE A 328 5.48 -6.15 11.92
N GLU A 329 6.63 -6.30 11.27
CA GLU A 329 7.76 -5.42 11.52
C GLU A 329 7.57 -4.13 10.73
N ILE A 330 7.42 -3.01 11.46
CA ILE A 330 7.23 -1.69 10.88
C ILE A 330 8.51 -0.87 10.93
N ASP A 331 9.24 -0.88 12.05
CA ASP A 331 10.41 0.01 12.21
C ASP A 331 11.47 -0.12 11.14
N ARG A 332 11.77 -1.35 10.71
CA ARG A 332 12.74 -1.52 9.62
C ARG A 332 12.24 -1.00 8.26
N ILE A 334 10.81 1.98 7.88
CA ILE A 334 10.93 3.45 7.82
C ILE A 334 12.35 3.86 7.45
N SER A 335 12.50 4.39 6.25
CA SER A 335 13.81 4.81 5.77
C SER A 335 14.17 6.21 6.31
N ARG A 336 13.18 7.06 6.50
CA ARG A 336 13.42 8.46 6.88
C ARG A 336 12.18 9.11 7.45
N ARG A 337 12.42 10.09 8.34
CA ARG A 337 11.36 10.91 8.96
C ARG A 337 11.65 12.37 8.71
N ILE A 338 10.72 13.04 8.03
CA ILE A 338 10.92 14.42 7.61
C ILE A 338 9.78 15.34 8.10
N SER A 339 10.01 16.65 7.97
CA SER A 339 9.08 17.66 8.43
C SER A 339 8.17 17.98 7.27
N LEU A 340 7.10 18.70 7.56
CA LEU A 340 6.22 19.19 6.49
C LEU A 340 7.00 20.01 5.46
N ASP A 341 7.89 20.88 5.93
CA ASP A 341 8.62 21.78 5.02
C ASP A 341 9.51 20.99 4.06
N GLU A 342 10.00 19.85 4.50
CA GLU A 342 10.86 19.03 3.64
C GLU A 342 10.10 18.18 2.60
N ALA A 343 8.79 18.06 2.77
CA ALA A 343 7.98 17.13 1.98
C ALA A 343 7.94 17.47 0.49
N PRO A 344 7.70 18.75 0.13
CA PRO A 344 7.61 19.07 -1.30
C PRO A 344 8.82 18.64 -2.12
N ASP A 345 10.01 18.83 -1.56
CA ASP A 345 11.26 18.41 -2.23
C ASP A 345 11.37 16.88 -2.37
N VAL A 346 11.11 16.14 -1.29
CA VAL A 346 11.15 14.67 -1.35
C VAL A 346 10.10 14.14 -2.34
N ILE A 347 8.91 14.73 -2.35
CA ILE A 347 7.87 14.27 -3.27
C ILE A 347 8.18 14.64 -4.75
N SER A 348 8.84 15.78 -4.95
CA SER A 348 9.18 16.31 -6.29
C SER A 348 10.35 15.59 -6.96
N ASN A 349 11.21 14.98 -6.16
CA ASN A 349 12.34 14.18 -6.64
C ASN A 349 12.05 12.66 -6.59
N PRO A 350 12.74 11.86 -7.42
CA PRO A 350 12.63 10.39 -7.32
C PRO A 350 13.12 9.86 -5.97
N ALA A 351 12.70 8.66 -5.57
CA ALA A 351 13.10 8.08 -4.28
C ALA A 351 14.59 7.85 -4.20
N ALA A 352 15.18 7.93 -3.01
CA ALA A 352 16.63 7.69 -2.82
C ALA A 352 16.96 6.21 -2.90
N ALA A 353 18.26 5.89 -2.97
CA ALA A 353 18.76 4.54 -3.25
C ALA A 353 17.99 3.41 -2.51
N GLY A 354 18.22 3.25 -1.22
CA GLY A 354 17.62 2.13 -0.48
C GLY A 354 16.27 2.45 0.16
N GLU A 355 15.55 3.42 -0.40
CA GLU A 355 14.42 4.00 0.26
C GLU A 355 13.22 3.06 0.28
N VAL A 356 12.64 2.83 1.45
CA VAL A 356 11.41 2.05 1.57
C VAL A 356 10.24 2.97 1.89
N LYS A 357 10.10 3.47 3.11
CA LYS A 357 8.99 4.36 3.36
C LYS A 357 9.53 5.61 4.03
N VAL A 358 9.13 6.77 3.48
CA VAL A 358 9.38 8.05 4.14
C VAL A 358 8.12 8.53 4.85
N LEU A 359 8.28 8.83 6.13
CA LEU A 359 7.23 9.35 6.97
C LEU A 359 7.34 10.86 7.16
N VAL A 360 6.23 11.55 6.92
CA VAL A 360 6.10 12.98 7.24
C VAL A 360 5.53 13.11 8.65
N ILE A 361 6.28 13.73 9.57
CA ILE A 361 5.90 13.97 10.98
C ILE A 361 5.63 15.47 11.18
N PRO A 362 4.37 15.88 11.41
CA PRO A 362 4.16 17.36 11.47
C PRO A 362 4.63 18.03 12.75
#